data_4NPC
#
_entry.id   4NPC
#
_cell.length_a   87.740
_cell.length_b   87.740
_cell.length_c   117.000
_cell.angle_alpha   90.000
_cell.angle_beta   90.000
_cell.angle_gamma   90.000
#
_symmetry.space_group_name_H-M   'P 41 21 2'
#
loop_
_entity.id
_entity.type
_entity.pdbx_description
1 polymer 'Sorbitol dehydrogenase'
2 non-polymer 'ACETATE ION'
3 water water
#
_entity_poly.entity_id   1
_entity_poly.type   'polypeptide(L)'
_entity_poly.pdbx_seq_one_letter_code
;MAHHHHHHMSDQAPQIDLNFPLSEKVAIVTGGASGIGAAISKAFIAKGAKVAVLDISADIAKAKAEELGENAKPFVCDVS
SQQSVNDAITAVISQFGKIDIAVNSAGVVYLAPAEDISLDYWDKTININLKGSFLVTQAVGRAMIAAGNGGKIINLASQA
GTVAIEEHVAYCASKFGVIGMSKTFAAEWGKYGICVNTLSPTIVLTELGKKAWAGEKGEAAKKRIPAGRFAYPEEIAAAA
VFLASAGADMITGADLLIDGGYTIL
;
_entity_poly.pdbx_strand_id   A,B
#
loop_
_chem_comp.id
_chem_comp.type
_chem_comp.name
_chem_comp.formula
ACT non-polymer 'ACETATE ION' 'C2 H3 O2 -1'
#
# COMPACT_ATOMS: atom_id res chain seq x y z
N GLN A 15 -12.88 -35.32 5.35
CA GLN A 15 -13.04 -35.61 3.89
C GLN A 15 -13.32 -34.29 3.19
N ILE A 16 -12.50 -33.93 2.20
CA ILE A 16 -12.79 -32.70 1.49
C ILE A 16 -13.72 -33.01 0.33
N ASP A 17 -14.89 -32.36 0.36
CA ASP A 17 -15.89 -32.50 -0.70
C ASP A 17 -15.42 -31.68 -1.87
N LEU A 18 -15.11 -32.37 -2.97
CA LEU A 18 -14.52 -31.73 -4.15
C LEU A 18 -15.51 -31.05 -5.09
N ASN A 19 -16.76 -30.93 -4.65
CA ASN A 19 -17.69 -30.00 -5.29
C ASN A 19 -17.63 -28.63 -4.64
N PHE A 20 -16.81 -28.48 -3.58
CA PHE A 20 -16.60 -27.20 -2.88
C PHE A 20 -17.92 -26.53 -2.44
N PRO A 21 -18.73 -27.27 -1.67
CA PRO A 21 -20.01 -26.69 -1.23
C PRO A 21 -19.85 -25.53 -0.25
N LEU A 22 -20.84 -24.62 -0.27
CA LEU A 22 -20.93 -23.57 0.72
C LEU A 22 -22.27 -23.59 1.44
N SER A 23 -22.95 -24.75 1.42
CA SER A 23 -24.27 -24.92 2.00
CA SER A 23 -24.27 -24.92 2.00
C SER A 23 -24.35 -24.39 3.42
N GLU A 24 -25.28 -23.47 3.63
CA GLU A 24 -25.64 -22.87 4.92
C GLU A 24 -24.57 -21.97 5.55
N LYS A 25 -23.48 -21.72 4.84
CA LYS A 25 -22.51 -20.74 5.31
C LYS A 25 -23.12 -19.36 5.10
N VAL A 26 -22.72 -18.40 5.92
CA VAL A 26 -23.22 -17.03 5.85
C VAL A 26 -22.06 -16.17 5.31
N ALA A 27 -22.29 -15.52 4.16
CA ALA A 27 -21.29 -14.64 3.55
C ALA A 27 -21.73 -13.18 3.49
N ILE A 28 -20.82 -12.28 3.86
CA ILE A 28 -20.93 -10.85 3.54
C ILE A 28 -20.22 -10.57 2.24
N VAL A 29 -20.82 -9.77 1.34
CA VAL A 29 -20.14 -9.27 0.16
C VAL A 29 -20.34 -7.75 0.08
N THR A 30 -19.28 -6.98 0.33
CA THR A 30 -19.35 -5.52 0.16
C THR A 30 -19.23 -5.22 -1.32
N GLY A 31 -19.90 -4.15 -1.74
CA GLY A 31 -20.06 -3.85 -3.16
C GLY A 31 -20.86 -4.93 -3.83
N GLY A 32 -21.72 -5.62 -3.06
CA GLY A 32 -22.32 -6.89 -3.54
C GLY A 32 -23.47 -6.81 -4.55
N ALA A 33 -23.90 -5.59 -4.84
CA ALA A 33 -25.08 -5.33 -5.62
C ALA A 33 -24.77 -5.03 -7.08
N SER A 34 -23.50 -4.91 -7.44
CA SER A 34 -23.11 -4.63 -8.82
C SER A 34 -21.73 -5.19 -9.11
N GLY A 35 -21.44 -5.35 -10.41
CA GLY A 35 -20.09 -5.71 -10.87
C GLY A 35 -19.60 -7.03 -10.31
N ILE A 36 -18.33 -7.07 -9.88
CA ILE A 36 -17.72 -8.30 -9.39
C ILE A 36 -18.50 -8.76 -8.15
N GLY A 37 -18.85 -7.81 -7.29
CA GLY A 37 -19.57 -8.16 -6.08
C GLY A 37 -20.91 -8.84 -6.33
N ALA A 38 -21.65 -8.35 -7.33
CA ALA A 38 -22.92 -9.00 -7.71
C ALA A 38 -22.69 -10.45 -8.17
N ALA A 39 -21.64 -10.68 -8.96
CA ALA A 39 -21.30 -12.01 -9.47
C ALA A 39 -20.93 -12.94 -8.33
N ILE A 40 -20.19 -12.43 -7.34
CA ILE A 40 -19.83 -13.22 -6.16
C ILE A 40 -21.08 -13.57 -5.34
N SER A 41 -21.95 -12.58 -5.11
CA SER A 41 -23.20 -12.86 -4.40
C SER A 41 -24.02 -13.93 -5.10
N LYS A 42 -24.18 -13.81 -6.42
CA LYS A 42 -24.92 -14.79 -7.19
C LYS A 42 -24.29 -16.21 -7.07
N ALA A 43 -22.97 -16.28 -7.16
CA ALA A 43 -22.26 -17.55 -7.07
C ALA A 43 -22.43 -18.17 -5.69
N PHE A 44 -22.29 -17.35 -4.65
CA PHE A 44 -22.48 -17.84 -3.27
C PHE A 44 -23.91 -18.37 -3.05
N ILE A 45 -24.91 -17.66 -3.58
CA ILE A 45 -26.30 -18.12 -3.48
C ILE A 45 -26.46 -19.46 -4.19
N ALA A 46 -25.87 -19.59 -5.37
CA ALA A 46 -25.96 -20.83 -6.13
C ALA A 46 -25.36 -22.01 -5.37
N LYS A 47 -24.36 -21.74 -4.53
CA LYS A 47 -23.69 -22.77 -3.74
C LYS A 47 -24.33 -23.06 -2.37
N GLY A 48 -25.51 -22.51 -2.12
CA GLY A 48 -26.25 -22.79 -0.89
C GLY A 48 -25.97 -21.86 0.28
N ALA A 49 -25.24 -20.77 0.06
CA ALA A 49 -24.92 -19.86 1.14
C ALA A 49 -26.05 -18.87 1.36
N LYS A 50 -26.10 -18.31 2.56
CA LYS A 50 -26.85 -17.07 2.84
C LYS A 50 -25.95 -15.93 2.48
N VAL A 51 -26.46 -14.88 1.84
CA VAL A 51 -25.61 -13.77 1.44
C VAL A 51 -26.16 -12.46 1.97
N ALA A 52 -25.30 -11.69 2.64
CA ALA A 52 -25.61 -10.34 3.05
C ALA A 52 -25.03 -9.44 1.95
N VAL A 53 -25.92 -8.83 1.20
CA VAL A 53 -25.55 -7.94 0.12
C VAL A 53 -25.36 -6.52 0.68
N LEU A 54 -24.11 -6.07 0.77
CA LEU A 54 -23.78 -4.78 1.37
C LEU A 54 -23.43 -3.81 0.28
N ASP A 55 -24.06 -2.63 0.30
CA ASP A 55 -23.74 -1.63 -0.71
C ASP A 55 -24.01 -0.25 -0.15
N ILE A 56 -23.35 0.77 -0.70
CA ILE A 56 -23.59 2.12 -0.20
C ILE A 56 -25.01 2.58 -0.52
N SER A 57 -25.62 2.03 -1.55
CA SER A 57 -27.02 2.40 -1.88
C SER A 57 -28.02 1.37 -1.43
N ALA A 58 -28.91 1.76 -0.51
CA ALA A 58 -29.97 0.91 -0.01
C ALA A 58 -30.84 0.37 -1.15
N ASP A 59 -31.14 1.21 -2.15
CA ASP A 59 -32.06 0.85 -3.27
C ASP A 59 -31.44 -0.24 -4.14
N ILE A 60 -30.17 -0.05 -4.49
CA ILE A 60 -29.39 -1.02 -5.27
C ILE A 60 -29.22 -2.34 -4.54
N ALA A 61 -28.83 -2.30 -3.27
CA ALA A 61 -28.78 -3.51 -2.45
C ALA A 61 -30.12 -4.18 -2.36
N LYS A 62 -31.19 -3.41 -2.14
CA LYS A 62 -32.55 -3.99 -1.99
C LYS A 62 -32.89 -4.74 -3.28
N ALA A 63 -32.67 -4.09 -4.43
CA ALA A 63 -33.04 -4.73 -5.71
C ALA A 63 -32.25 -6.03 -5.96
N LYS A 64 -30.97 -6.02 -5.63
CA LYS A 64 -30.10 -7.19 -5.88
C LYS A 64 -30.51 -8.36 -4.98
N ALA A 65 -30.71 -8.08 -3.70
CA ALA A 65 -31.13 -9.13 -2.77
C ALA A 65 -32.49 -9.72 -3.11
N GLU A 66 -33.41 -8.90 -3.59
CA GLU A 66 -34.72 -9.39 -4.00
C GLU A 66 -34.54 -10.33 -5.22
N GLU A 67 -33.71 -9.92 -6.17
CA GLU A 67 -33.41 -10.70 -7.35
C GLU A 67 -32.79 -12.08 -7.00
N LEU A 68 -31.90 -12.10 -6.03
CA LEU A 68 -31.19 -13.34 -5.70
C LEU A 68 -31.98 -14.33 -4.86
N GLY A 69 -33.10 -13.86 -4.31
CA GLY A 69 -34.05 -14.73 -3.65
C GLY A 69 -33.95 -14.75 -2.14
N GLU A 70 -34.67 -15.70 -1.55
CA GLU A 70 -34.89 -15.72 -0.12
C GLU A 70 -33.63 -15.85 0.76
N ASN A 71 -32.52 -16.34 0.19
CA ASN A 71 -31.29 -16.50 0.97
C ASN A 71 -30.34 -15.27 0.88
N ALA A 72 -30.79 -14.18 0.26
CA ALA A 72 -30.01 -12.94 0.14
C ALA A 72 -30.77 -11.82 0.83
N LYS A 73 -30.08 -11.06 1.67
CA LYS A 73 -30.68 -9.95 2.41
C LYS A 73 -29.83 -8.71 2.22
N PRO A 74 -30.48 -7.54 2.04
CA PRO A 74 -29.71 -6.28 1.84
C PRO A 74 -29.29 -5.52 3.12
N PHE A 75 -28.13 -4.88 3.07
CA PHE A 75 -27.63 -4.05 4.15
C PHE A 75 -26.94 -2.85 3.54
N VAL A 76 -27.25 -1.68 4.07
CA VAL A 76 -26.52 -0.46 3.68
C VAL A 76 -25.15 -0.44 4.37
N CYS A 77 -24.11 -0.11 3.61
CA CYS A 77 -22.76 -0.03 4.19
C CYS A 77 -21.86 0.90 3.39
N ASP A 78 -21.37 1.93 4.05
CA ASP A 78 -20.34 2.80 3.54
C ASP A 78 -19.01 2.33 4.14
N VAL A 79 -18.21 1.63 3.32
CA VAL A 79 -17.02 0.94 3.85
C VAL A 79 -15.96 1.89 4.40
N SER A 80 -16.07 3.16 4.04
CA SER A 80 -15.09 4.17 4.49
C SER A 80 -15.44 4.71 5.89
N SER A 81 -16.57 4.26 6.42
CA SER A 81 -17.10 4.75 7.69
C SER A 81 -17.11 3.65 8.72
N GLN A 82 -16.38 3.86 9.80
CA GLN A 82 -16.28 2.81 10.84
C GLN A 82 -17.62 2.48 11.47
N GLN A 83 -18.42 3.51 11.72
CA GLN A 83 -19.76 3.31 12.26
C GLN A 83 -20.65 2.51 11.32
N SER A 84 -20.62 2.87 10.04
CA SER A 84 -21.45 2.19 9.04
C SER A 84 -21.08 0.70 8.94
N VAL A 85 -19.76 0.43 8.94
CA VAL A 85 -19.26 -0.92 8.88
C VAL A 85 -19.64 -1.75 10.12
N ASN A 86 -19.33 -1.23 11.30
CA ASN A 86 -19.72 -1.91 12.53
C ASN A 86 -21.24 -2.20 12.64
N ASP A 87 -22.07 -1.19 12.30
CA ASP A 87 -23.51 -1.37 12.32
C ASP A 87 -23.98 -2.45 11.34
N ALA A 88 -23.32 -2.53 10.17
CA ALA A 88 -23.67 -3.53 9.15
C ALA A 88 -23.33 -4.92 9.66
N ILE A 89 -22.12 -5.10 10.19
CA ILE A 89 -21.72 -6.40 10.76
C ILE A 89 -22.66 -6.85 11.86
N THR A 90 -23.02 -5.96 12.76
CA THR A 90 -23.98 -6.29 13.80
C THR A 90 -25.31 -6.72 13.20
N ALA A 91 -25.77 -6.00 12.17
CA ALA A 91 -27.05 -6.30 11.57
C ALA A 91 -27.03 -7.65 10.87
N VAL A 92 -25.91 -7.97 10.20
CA VAL A 92 -25.80 -9.29 9.56
C VAL A 92 -25.87 -10.41 10.60
N ILE A 93 -25.15 -10.25 11.72
CA ILE A 93 -25.23 -11.26 12.80
CA ILE A 93 -25.23 -11.26 12.81
C ILE A 93 -26.64 -11.39 13.35
N SER A 94 -27.33 -10.27 13.52
CA SER A 94 -28.69 -10.31 14.06
CA SER A 94 -28.67 -10.30 14.06
C SER A 94 -29.62 -11.05 13.11
N GLN A 95 -29.41 -10.86 11.79
CA GLN A 95 -30.27 -11.53 10.82
C GLN A 95 -29.97 -13.03 10.63
N PHE A 96 -28.70 -13.38 10.53
CA PHE A 96 -28.28 -14.72 10.08
C PHE A 96 -27.67 -15.59 11.18
N GLY A 97 -27.26 -14.99 12.28
CA GLY A 97 -26.73 -15.72 13.42
C GLY A 97 -25.23 -15.73 13.59
N LYS A 98 -24.51 -15.54 12.48
CA LYS A 98 -23.06 -15.72 12.39
C LYS A 98 -22.58 -15.20 11.05
N ILE A 99 -21.26 -15.02 10.92
CA ILE A 99 -20.61 -14.73 9.64
C ILE A 99 -19.48 -15.76 9.46
N ASP A 100 -19.54 -16.54 8.36
CA ASP A 100 -18.51 -17.52 8.03
C ASP A 100 -17.50 -17.01 6.99
N ILE A 101 -17.96 -16.11 6.12
CA ILE A 101 -17.21 -15.64 4.92
C ILE A 101 -17.47 -14.15 4.76
N ALA A 102 -16.44 -13.37 4.44
CA ALA A 102 -16.63 -11.99 4.03
C ALA A 102 -15.76 -11.72 2.80
N VAL A 103 -16.35 -11.04 1.80
CA VAL A 103 -15.65 -10.61 0.68
C VAL A 103 -15.73 -9.08 0.60
N ASN A 104 -14.59 -8.44 0.44
CA ASN A 104 -14.51 -6.98 0.30
C ASN A 104 -14.35 -6.68 -1.20
N SER A 105 -15.41 -6.26 -1.88
CA SER A 105 -15.31 -5.91 -3.29
C SER A 105 -15.83 -4.49 -3.63
N ALA A 106 -16.03 -3.68 -2.61
N ALA A 106 -15.91 -3.61 -2.65
CA ALA A 106 -16.22 -2.27 -2.82
CA ALA A 106 -16.39 -2.23 -2.90
C ALA A 106 -14.83 -1.70 -3.10
C ALA A 106 -15.37 -1.19 -3.47
N GLY A 107 -14.48 -1.55 -4.36
CA GLY A 107 -13.41 -0.59 -4.79
C GLY A 107 -13.85 0.62 -5.64
N VAL A 108 -12.93 1.56 -5.80
CA VAL A 108 -13.13 2.68 -6.73
C VAL A 108 -11.89 2.83 -7.60
N VAL A 109 -12.05 3.45 -8.76
CA VAL A 109 -10.93 3.68 -9.64
C VAL A 109 -10.94 5.17 -10.02
N TYR A 110 -9.86 5.87 -9.71
CA TYR A 110 -9.71 7.27 -10.01
C TYR A 110 -8.32 7.41 -10.66
N LEU A 111 -8.29 7.78 -11.94
CA LEU A 111 -7.05 7.79 -12.70
C LEU A 111 -6.65 9.18 -13.17
N ALA A 112 -5.34 9.43 -13.17
CA ALA A 112 -4.78 10.65 -13.70
C ALA A 112 -3.27 10.51 -13.75
N PRO A 113 -2.62 11.28 -14.65
CA PRO A 113 -1.16 11.23 -14.62
C PRO A 113 -0.61 11.57 -13.24
N ALA A 114 0.50 10.94 -12.90
CA ALA A 114 1.01 11.03 -11.53
C ALA A 114 1.34 12.47 -11.10
N GLU A 115 1.84 13.28 -12.02
CA GLU A 115 2.18 14.68 -11.69
C GLU A 115 0.93 15.57 -11.54
N ASP A 116 -0.23 15.09 -12.01
CA ASP A 116 -1.49 15.87 -12.00
C ASP A 116 -2.50 15.44 -10.94
N ILE A 117 -2.44 14.16 -10.50
CA ILE A 117 -3.57 13.56 -9.79
C ILE A 117 -3.93 14.36 -8.52
N SER A 118 -5.21 14.66 -8.34
CA SER A 118 -5.62 15.53 -7.24
C SER A 118 -5.57 14.81 -5.91
N LEU A 119 -5.40 15.59 -4.84
CA LEU A 119 -5.50 15.00 -3.49
C LEU A 119 -6.89 14.37 -3.24
N ASP A 120 -7.93 14.94 -3.83
CA ASP A 120 -9.25 14.35 -3.73
C ASP A 120 -9.30 12.91 -4.34
N TYR A 121 -8.73 12.73 -5.51
CA TYR A 121 -8.67 11.42 -6.16
C TYR A 121 -7.86 10.46 -5.31
N TRP A 122 -6.75 10.97 -4.80
CA TRP A 122 -5.88 10.17 -3.90
C TRP A 122 -6.63 9.74 -2.63
N ASP A 123 -7.25 10.70 -1.94
CA ASP A 123 -7.85 10.38 -0.65
C ASP A 123 -9.07 9.45 -0.84
N LYS A 124 -9.89 9.70 -1.85
CA LYS A 124 -11.02 8.83 -2.10
C LYS A 124 -10.58 7.40 -2.35
N THR A 125 -9.52 7.26 -3.12
CA THR A 125 -9.02 5.93 -3.45
C THR A 125 -8.54 5.23 -2.19
N ILE A 126 -7.69 5.93 -1.43
CA ILE A 126 -7.13 5.31 -0.22
C ILE A 126 -8.23 5.02 0.79
N ASN A 127 -9.13 5.98 1.00
CA ASN A 127 -10.17 5.80 2.04
C ASN A 127 -11.13 4.65 1.72
N ILE A 128 -11.51 4.51 0.46
CA ILE A 128 -12.44 3.44 0.10
C ILE A 128 -11.72 2.07 -0.09
N ASN A 129 -10.67 2.06 -0.91
CA ASN A 129 -10.01 0.81 -1.27
C ASN A 129 -9.20 0.22 -0.13
N LEU A 130 -8.49 1.09 0.61
CA LEU A 130 -7.54 0.60 1.62
C LEU A 130 -8.12 0.70 3.01
N LYS A 131 -8.46 1.90 3.47
CA LYS A 131 -9.15 2.02 4.77
C LYS A 131 -10.44 1.18 4.84
N GLY A 132 -11.23 1.19 3.77
CA GLY A 132 -12.50 0.41 3.73
C GLY A 132 -12.24 -1.07 3.90
N SER A 133 -11.20 -1.59 3.25
CA SER A 133 -10.85 -3.01 3.43
C SER A 133 -10.39 -3.29 4.86
N PHE A 134 -9.61 -2.36 5.42
CA PHE A 134 -9.20 -2.44 6.82
C PHE A 134 -10.41 -2.53 7.77
N LEU A 135 -11.36 -1.60 7.61
CA LEU A 135 -12.46 -1.51 8.56
C LEU A 135 -13.35 -2.75 8.48
N VAL A 136 -13.62 -3.22 7.26
CA VAL A 136 -14.48 -4.38 7.09
C VAL A 136 -13.74 -5.64 7.60
N THR A 137 -12.49 -5.80 7.24
CA THR A 137 -11.74 -6.96 7.67
C THR A 137 -11.64 -7.00 9.21
N GLN A 138 -11.39 -5.85 9.82
CA GLN A 138 -11.29 -5.83 11.28
C GLN A 138 -12.63 -6.16 11.94
N ALA A 139 -13.73 -5.56 11.48
CA ALA A 139 -15.06 -5.83 12.10
C ALA A 139 -15.51 -7.28 11.93
N VAL A 140 -15.36 -7.82 10.72
CA VAL A 140 -15.71 -9.21 10.49
C VAL A 140 -14.80 -10.16 11.29
N GLY A 141 -13.50 -9.86 11.32
CA GLY A 141 -12.56 -10.69 12.04
C GLY A 141 -12.83 -10.71 13.53
N ARG A 142 -13.18 -9.56 14.10
CA ARG A 142 -13.55 -9.56 15.52
C ARG A 142 -14.74 -10.49 15.78
N ALA A 143 -15.75 -10.40 14.93
CA ALA A 143 -16.90 -11.28 15.04
C ALA A 143 -16.48 -12.75 14.99
N MET A 144 -15.61 -13.06 14.04
CA MET A 144 -15.15 -14.45 13.81
C MET A 144 -14.33 -14.95 14.98
N ILE A 145 -13.51 -14.06 15.53
CA ILE A 145 -12.71 -14.43 16.73
C ILE A 145 -13.65 -14.75 17.92
N ALA A 146 -14.65 -13.89 18.14
CA ALA A 146 -15.61 -14.09 19.24
C ALA A 146 -16.37 -15.41 19.11
N ALA A 147 -16.76 -15.77 17.89
CA ALA A 147 -17.57 -16.96 17.65
C ALA A 147 -16.80 -18.26 17.82
N GLY A 148 -15.49 -18.21 17.58
CA GLY A 148 -14.60 -19.35 17.75
C GLY A 148 -14.62 -20.46 16.72
N ASN A 149 -15.20 -20.23 15.55
CA ASN A 149 -15.37 -21.26 14.54
C ASN A 149 -14.55 -20.98 13.28
N GLY A 150 -13.56 -20.09 13.39
CA GLY A 150 -12.73 -19.74 12.24
C GLY A 150 -13.53 -18.94 11.21
N GLY A 151 -13.01 -18.85 9.98
CA GLY A 151 -13.69 -18.07 8.95
C GLY A 151 -12.83 -17.85 7.74
N LYS A 152 -13.40 -17.19 6.75
CA LYS A 152 -12.74 -16.90 5.48
C LYS A 152 -12.93 -15.44 5.19
N ILE A 153 -11.85 -14.72 4.91
CA ILE A 153 -11.92 -13.32 4.43
C ILE A 153 -11.19 -13.21 3.10
N ILE A 154 -11.88 -12.67 2.09
CA ILE A 154 -11.34 -12.56 0.73
C ILE A 154 -11.43 -11.07 0.34
N ASN A 155 -10.27 -10.46 0.19
CA ASN A 155 -10.20 -9.06 -0.20
C ASN A 155 -9.83 -8.90 -1.67
N LEU A 156 -10.62 -8.13 -2.40
CA LEU A 156 -10.29 -7.87 -3.79
C LEU A 156 -9.09 -6.91 -3.88
N ALA A 157 -8.01 -7.36 -4.49
CA ALA A 157 -6.88 -6.48 -4.80
C ALA A 157 -6.96 -6.19 -6.30
N SER A 158 -5.95 -6.59 -7.06
CA SER A 158 -5.90 -6.28 -8.50
C SER A 158 -4.56 -6.69 -9.01
N GLN A 159 -4.48 -6.91 -10.32
CA GLN A 159 -3.17 -6.97 -11.01
C GLN A 159 -2.29 -5.75 -10.64
N ALA A 160 -2.95 -4.62 -10.39
CA ALA A 160 -2.27 -3.37 -9.97
C ALA A 160 -1.73 -3.38 -8.54
N GLY A 161 -1.91 -4.49 -7.82
CA GLY A 161 -1.24 -4.72 -6.51
C GLY A 161 0.12 -5.40 -6.70
N THR A 162 0.44 -5.77 -7.94
CA THR A 162 1.68 -6.42 -8.34
C THR A 162 2.53 -5.59 -9.29
N VAL A 163 1.89 -4.95 -10.28
CA VAL A 163 2.60 -4.11 -11.24
C VAL A 163 2.07 -2.67 -11.15
N ALA A 164 2.95 -1.72 -11.50
CA ALA A 164 2.56 -0.37 -11.79
C ALA A 164 1.77 -0.31 -13.09
N ILE A 165 0.85 0.65 -13.17
CA ILE A 165 0.15 0.91 -14.41
C ILE A 165 0.07 2.43 -14.57
N GLU A 166 0.38 2.95 -15.74
CA GLU A 166 0.29 4.39 -15.94
C GLU A 166 -1.10 4.96 -15.59
N GLU A 167 -1.07 6.11 -14.90
CA GLU A 167 -2.24 6.85 -14.36
C GLU A 167 -2.86 6.23 -13.09
N HIS A 168 -2.27 5.13 -12.62
CA HIS A 168 -2.80 4.42 -11.48
C HIS A 168 -1.99 4.66 -10.21
N VAL A 169 -1.37 5.82 -10.00
CA VAL A 169 -0.53 5.99 -8.80
C VAL A 169 -1.33 5.73 -7.50
N ALA A 170 -2.53 6.27 -7.41
CA ALA A 170 -3.33 6.08 -6.20
C ALA A 170 -3.89 4.68 -6.15
N TYR A 171 -4.37 4.20 -7.29
CA TYR A 171 -4.98 2.85 -7.34
C TYR A 171 -3.94 1.76 -6.94
N CYS A 172 -2.75 1.84 -7.56
CA CYS A 172 -1.65 0.91 -7.24
C CYS A 172 -1.27 1.04 -5.75
N ALA A 173 -1.10 2.27 -5.26
CA ALA A 173 -0.82 2.42 -3.83
C ALA A 173 -1.84 1.67 -2.98
N SER A 174 -3.11 1.88 -3.30
CA SER A 174 -4.21 1.26 -2.54
C SER A 174 -4.18 -0.27 -2.61
N LYS A 175 -3.88 -0.81 -3.79
CA LYS A 175 -3.96 -2.26 -3.99
C LYS A 175 -2.73 -3.02 -3.48
N PHE A 176 -1.53 -2.45 -3.64
CA PHE A 176 -0.37 -2.97 -2.97
C PHE A 176 -0.64 -2.95 -1.45
N GLY A 177 -1.18 -1.84 -0.97
CA GLY A 177 -1.51 -1.72 0.48
C GLY A 177 -2.48 -2.77 0.94
N VAL A 178 -3.49 -3.05 0.13
CA VAL A 178 -4.50 -4.06 0.50
C VAL A 178 -3.81 -5.43 0.72
N ILE A 179 -2.89 -5.76 -0.14
CA ILE A 179 -2.20 -7.02 -0.07
C ILE A 179 -1.35 -7.06 1.24
N GLY A 180 -0.54 -6.04 1.51
CA GLY A 180 0.25 -6.05 2.75
C GLY A 180 -0.62 -6.13 4.00
N MET A 181 -1.68 -5.33 3.99
CA MET A 181 -2.64 -5.36 5.06
C MET A 181 -3.23 -6.76 5.28
N SER A 182 -3.67 -7.39 4.19
CA SER A 182 -4.38 -8.65 4.26
C SER A 182 -3.42 -9.73 4.74
N LYS A 183 -2.16 -9.66 4.29
CA LYS A 183 -1.14 -10.63 4.73
C LYS A 183 -0.90 -10.53 6.25
N THR A 184 -1.01 -9.32 6.80
CA THR A 184 -0.75 -9.13 8.23
C THR A 184 -1.92 -9.69 9.04
N PHE A 185 -3.13 -9.40 8.62
CA PHE A 185 -4.32 -10.06 9.19
C PHE A 185 -4.18 -11.61 9.12
N ALA A 186 -3.74 -12.11 7.97
CA ALA A 186 -3.59 -13.57 7.80
C ALA A 186 -2.59 -14.12 8.80
N ALA A 187 -1.49 -13.39 8.97
CA ALA A 187 -0.44 -13.84 9.88
C ALA A 187 -0.93 -13.91 11.33
N GLU A 188 -1.63 -12.87 11.74
CA GLU A 188 -2.08 -12.76 13.14
C GLU A 188 -3.27 -13.65 13.42
N TRP A 189 -4.07 -13.94 12.39
CA TRP A 189 -5.35 -14.64 12.67
C TRP A 189 -5.40 -16.12 12.29
N GLY A 190 -4.25 -16.66 11.86
CA GLY A 190 -4.12 -18.11 11.66
C GLY A 190 -4.49 -18.84 12.90
N LYS A 191 -4.05 -18.29 14.02
CA LYS A 191 -4.29 -18.92 15.34
C LYS A 191 -5.77 -18.99 15.67
N TYR A 192 -6.62 -18.24 14.96
CA TYR A 192 -8.08 -18.26 15.15
C TYR A 192 -8.84 -18.98 14.04
N GLY A 193 -8.11 -19.68 13.19
CA GLY A 193 -8.73 -20.39 12.07
C GLY A 193 -9.30 -19.52 10.96
N ILE A 194 -8.80 -18.30 10.84
CA ILE A 194 -9.35 -17.35 9.84
C ILE A 194 -8.34 -17.25 8.71
N CYS A 195 -8.73 -17.71 7.53
CA CYS A 195 -7.91 -17.57 6.34
C CYS A 195 -8.18 -16.18 5.71
N VAL A 196 -7.14 -15.42 5.40
CA VAL A 196 -7.31 -14.11 4.78
C VAL A 196 -6.47 -14.08 3.50
N ASN A 197 -7.15 -13.92 2.36
CA ASN A 197 -6.49 -14.01 1.05
C ASN A 197 -6.94 -12.84 0.20
N THR A 198 -6.20 -12.56 -0.85
CA THR A 198 -6.58 -11.57 -1.85
C THR A 198 -6.77 -12.19 -3.19
N LEU A 199 -7.68 -11.57 -3.96
CA LEU A 199 -7.97 -12.02 -5.30
C LEU A 199 -7.61 -10.83 -6.20
N SER A 200 -6.79 -11.08 -7.23
CA SER A 200 -6.23 -9.99 -8.05
C SER A 200 -6.55 -10.17 -9.51
N PRO A 201 -7.67 -9.56 -9.96
CA PRO A 201 -8.00 -9.67 -11.40
C PRO A 201 -7.27 -8.73 -12.30
N THR A 202 -7.22 -9.08 -13.58
CA THR A 202 -6.89 -8.15 -14.64
C THR A 202 -8.17 -7.37 -14.93
N ILE A 203 -8.23 -6.74 -16.09
CA ILE A 203 -9.42 -6.01 -16.50
CA ILE A 203 -9.44 -6.01 -16.48
C ILE A 203 -10.62 -6.98 -16.49
N VAL A 204 -11.77 -6.56 -15.91
CA VAL A 204 -12.95 -7.40 -15.82
C VAL A 204 -14.12 -6.80 -16.59
N LEU A 205 -14.82 -7.64 -17.36
CA LEU A 205 -15.97 -7.25 -18.19
C LEU A 205 -17.28 -7.16 -17.39
N THR A 206 -17.25 -6.29 -16.38
CA THR A 206 -18.48 -5.82 -15.74
C THR A 206 -19.20 -4.95 -16.76
N GLU A 207 -20.48 -4.63 -16.52
CA GLU A 207 -21.22 -3.70 -17.39
C GLU A 207 -20.41 -2.40 -17.62
N LEU A 208 -19.80 -1.87 -16.55
CA LEU A 208 -18.92 -0.70 -16.66
C LEU A 208 -17.68 -0.99 -17.52
N GLY A 209 -16.94 -2.03 -17.15
CA GLY A 209 -15.73 -2.43 -17.89
C GLY A 209 -15.97 -2.71 -19.36
N LYS A 210 -17.09 -3.36 -19.70
CA LYS A 210 -17.50 -3.53 -21.10
C LYS A 210 -17.48 -2.18 -21.81
N LYS A 211 -18.16 -1.21 -21.20
CA LYS A 211 -18.22 0.16 -21.72
C LYS A 211 -16.81 0.79 -21.83
N ALA A 212 -16.05 0.79 -20.72
CA ALA A 212 -14.76 1.51 -20.66
C ALA A 212 -13.64 0.91 -21.54
N TRP A 213 -13.76 -0.38 -21.87
CA TRP A 213 -12.75 -1.10 -22.68
C TRP A 213 -13.30 -1.57 -24.02
N ALA A 214 -14.31 -0.87 -24.55
CA ALA A 214 -14.86 -1.16 -25.87
C ALA A 214 -13.90 -0.69 -26.97
N GLY A 215 -13.95 -1.34 -28.13
CA GLY A 215 -13.24 -0.89 -29.32
C GLY A 215 -11.74 -1.13 -29.28
N GLU A 216 -10.99 -0.30 -30.02
CA GLU A 216 -9.53 -0.46 -30.21
C GLU A 216 -8.71 -0.39 -28.92
N LYS A 217 -9.20 0.41 -27.96
CA LYS A 217 -8.63 0.54 -26.62
C LYS A 217 -8.54 -0.84 -25.93
N GLY A 218 -9.64 -1.59 -26.03
CA GLY A 218 -9.70 -2.97 -25.48
C GLY A 218 -8.88 -3.94 -26.32
N GLU A 219 -8.97 -3.84 -27.65
CA GLU A 219 -8.11 -4.67 -28.51
C GLU A 219 -6.62 -4.46 -28.17
N ALA A 220 -6.20 -3.22 -27.94
CA ALA A 220 -4.79 -2.93 -27.59
C ALA A 220 -4.38 -3.51 -26.25
N ALA A 221 -5.29 -3.51 -25.28
CA ALA A 221 -4.98 -4.04 -23.94
C ALA A 221 -4.87 -5.57 -23.96
N LYS A 222 -5.72 -6.21 -24.76
CA LYS A 222 -5.70 -7.67 -24.91
C LYS A 222 -4.39 -8.20 -25.48
N LYS A 223 -3.67 -7.39 -26.26
CA LYS A 223 -2.40 -7.80 -26.88
C LYS A 223 -1.37 -8.15 -25.85
N ARG A 224 -1.47 -7.54 -24.67
CA ARG A 224 -0.49 -7.74 -23.62
C ARG A 224 -0.90 -8.80 -22.61
N ILE A 225 -2.07 -9.38 -22.78
CA ILE A 225 -2.52 -10.42 -21.86
C ILE A 225 -2.29 -11.74 -22.60
N PRO A 226 -1.46 -12.64 -22.08
CA PRO A 226 -1.25 -13.96 -22.77
C PRO A 226 -2.55 -14.71 -23.12
N ALA A 227 -3.54 -14.64 -22.23
CA ALA A 227 -4.82 -15.29 -22.48
C ALA A 227 -5.59 -14.66 -23.65
N GLY A 228 -5.24 -13.42 -24.00
CA GLY A 228 -5.83 -12.77 -25.19
C GLY A 228 -7.24 -12.25 -25.02
N ARG A 229 -7.70 -12.17 -23.78
CA ARG A 229 -9.01 -11.59 -23.46
C ARG A 229 -9.02 -11.07 -22.04
N PHE A 230 -10.11 -10.37 -21.70
CA PHE A 230 -10.33 -9.94 -20.32
C PHE A 230 -11.09 -11.01 -19.54
N ALA A 231 -11.11 -10.88 -18.21
CA ALA A 231 -11.81 -11.83 -17.33
C ALA A 231 -13.31 -11.46 -17.22
N TYR A 232 -14.17 -12.46 -17.07
CA TYR A 232 -15.60 -12.23 -16.76
C TYR A 232 -15.79 -12.17 -15.24
N PRO A 233 -16.75 -11.37 -14.75
CA PRO A 233 -17.03 -11.34 -13.31
C PRO A 233 -17.33 -12.73 -12.75
N GLU A 234 -17.98 -13.58 -13.57
CA GLU A 234 -18.25 -14.97 -13.18
C GLU A 234 -17.00 -15.80 -12.86
N GLU A 235 -15.90 -15.49 -13.54
CA GLU A 235 -14.62 -16.16 -13.30
C GLU A 235 -13.98 -15.70 -12.01
N ILE A 236 -14.13 -14.42 -11.72
CA ILE A 236 -13.65 -13.93 -10.44
C ILE A 236 -14.46 -14.59 -9.30
N ALA A 237 -15.78 -14.67 -9.48
CA ALA A 237 -16.65 -15.33 -8.50
C ALA A 237 -16.31 -16.82 -8.30
N ALA A 238 -15.94 -17.51 -9.36
CA ALA A 238 -15.51 -18.94 -9.23
C ALA A 238 -14.29 -19.09 -8.31
N ALA A 239 -13.28 -18.22 -8.47
CA ALA A 239 -12.17 -18.18 -7.57
C ALA A 239 -12.57 -17.89 -6.10
N ALA A 240 -13.48 -16.93 -5.91
CA ALA A 240 -13.97 -16.63 -4.58
C ALA A 240 -14.63 -17.85 -3.92
N VAL A 241 -15.41 -18.59 -4.72
CA VAL A 241 -16.05 -19.83 -4.24
C VAL A 241 -14.98 -20.82 -3.74
N PHE A 242 -13.94 -21.02 -4.53
CA PHE A 242 -12.90 -21.96 -4.13
C PHE A 242 -12.24 -21.46 -2.83
N LEU A 243 -11.85 -20.20 -2.80
CA LEU A 243 -11.14 -19.69 -1.60
C LEU A 243 -12.02 -19.66 -0.35
N ALA A 244 -13.34 -19.58 -0.54
CA ALA A 244 -14.29 -19.56 0.56
C ALA A 244 -14.55 -20.98 1.11
N SER A 245 -14.10 -22.00 0.38
CA SER A 245 -14.47 -23.38 0.67
C SER A 245 -13.52 -24.10 1.61
N ALA A 246 -13.98 -25.26 2.06
CA ALA A 246 -13.14 -26.16 2.86
C ALA A 246 -11.97 -26.81 2.08
N GLY A 247 -11.92 -26.61 0.78
CA GLY A 247 -10.78 -26.97 -0.03
C GLY A 247 -9.62 -26.02 0.01
N ALA A 248 -9.73 -24.92 0.75
CA ALA A 248 -8.74 -23.87 0.80
C ALA A 248 -8.33 -23.54 2.25
N ASP A 249 -8.48 -24.46 3.20
CA ASP A 249 -8.16 -24.14 4.62
C ASP A 249 -6.68 -23.88 4.92
N MET A 250 -5.80 -24.33 4.03
CA MET A 250 -4.34 -24.13 4.16
C MET A 250 -3.85 -23.05 3.22
N ILE A 251 -4.79 -22.33 2.62
CA ILE A 251 -4.45 -21.16 1.83
C ILE A 251 -4.77 -19.90 2.67
N THR A 252 -3.73 -19.18 3.08
CA THR A 252 -3.89 -17.94 3.82
C THR A 252 -2.70 -17.03 3.52
N GLY A 253 -2.98 -15.72 3.46
CA GLY A 253 -2.01 -14.75 3.10
C GLY A 253 -1.72 -14.78 1.60
N ALA A 254 -2.41 -15.61 0.84
CA ALA A 254 -2.12 -15.76 -0.60
C ALA A 254 -2.78 -14.65 -1.42
N ASP A 255 -2.08 -14.24 -2.48
CA ASP A 255 -2.67 -13.39 -3.51
C ASP A 255 -2.83 -14.25 -4.78
N LEU A 256 -4.08 -14.51 -5.14
CA LEU A 256 -4.40 -15.31 -6.30
C LEU A 256 -4.68 -14.36 -7.47
N LEU A 257 -3.77 -14.37 -8.44
CA LEU A 257 -3.94 -13.54 -9.62
CA LEU A 257 -3.90 -13.56 -9.65
C LEU A 257 -4.85 -14.25 -10.59
N ILE A 258 -5.82 -13.50 -11.13
CA ILE A 258 -6.73 -13.99 -12.19
C ILE A 258 -6.53 -12.98 -13.31
N ASP A 259 -5.36 -13.02 -13.91
CA ASP A 259 -4.94 -11.94 -14.79
C ASP A 259 -4.61 -12.35 -16.20
N GLY A 260 -4.94 -13.60 -16.57
CA GLY A 260 -4.57 -14.09 -17.87
C GLY A 260 -3.11 -13.99 -18.22
N GLY A 261 -2.22 -13.95 -17.20
CA GLY A 261 -0.83 -13.79 -17.45
C GLY A 261 -0.29 -12.37 -17.52
N TYR A 262 -1.13 -11.34 -17.41
CA TYR A 262 -0.68 -9.96 -17.64
C TYR A 262 0.62 -9.60 -16.87
N THR A 263 0.67 -9.95 -15.59
CA THR A 263 1.75 -9.50 -14.70
C THR A 263 3.03 -10.31 -14.83
N ILE A 264 3.02 -11.41 -15.58
CA ILE A 264 4.22 -12.29 -15.58
C ILE A 264 5.27 -11.88 -16.58
N LEU A 265 4.92 -11.01 -17.53
CA LEU A 265 5.83 -10.45 -18.51
C LEU A 265 6.31 -9.07 -18.09
N ALA B 13 29.28 4.63 -22.76
CA ALA B 13 29.09 5.05 -21.35
C ALA B 13 29.89 6.30 -21.08
N PRO B 14 29.33 7.19 -20.23
CA PRO B 14 30.11 8.34 -19.75
C PRO B 14 31.21 7.93 -18.77
N GLN B 15 32.10 8.85 -18.44
CA GLN B 15 32.97 8.62 -17.29
C GLN B 15 32.00 8.52 -16.08
N ILE B 16 31.88 7.32 -15.49
CA ILE B 16 31.15 7.18 -14.23
C ILE B 16 32.17 7.17 -13.14
N ASP B 17 32.10 8.18 -12.32
CA ASP B 17 33.00 8.34 -11.20
C ASP B 17 32.63 7.37 -10.10
N LEU B 18 33.52 6.39 -9.88
CA LEU B 18 33.26 5.33 -8.93
C LEU B 18 33.48 5.71 -7.47
N ASN B 19 33.71 7.01 -7.21
CA ASN B 19 33.58 7.58 -5.87
C ASN B 19 32.15 8.10 -5.60
N PHE B 20 31.26 8.02 -6.61
CA PHE B 20 29.85 8.35 -6.45
C PHE B 20 29.65 9.76 -5.83
N PRO B 21 30.32 10.79 -6.38
CA PRO B 21 30.16 12.16 -5.86
C PRO B 21 28.73 12.74 -6.08
N LEU B 22 28.30 13.63 -5.20
CA LEU B 22 27.05 14.33 -5.38
C LEU B 22 27.31 15.84 -5.42
N SER B 23 28.50 16.22 -5.90
CA SER B 23 28.94 17.61 -5.88
CA SER B 23 28.92 17.61 -5.86
C SER B 23 27.91 18.53 -6.52
N GLU B 24 27.52 19.57 -5.78
CA GLU B 24 26.59 20.60 -6.23
C GLU B 24 25.15 20.16 -6.55
N LYS B 25 24.84 18.89 -6.39
CA LYS B 25 23.43 18.46 -6.45
C LYS B 25 22.68 18.97 -5.23
N VAL B 26 21.41 19.31 -5.41
CA VAL B 26 20.62 19.77 -4.28
C VAL B 26 19.67 18.67 -3.83
N ALA B 27 19.72 18.29 -2.56
CA ALA B 27 18.91 17.21 -2.00
C ALA B 27 17.92 17.71 -0.93
N ILE B 28 16.66 17.30 -1.00
CA ILE B 28 15.70 17.50 0.09
C ILE B 28 15.69 16.21 0.86
N VAL B 29 15.70 16.31 2.19
CA VAL B 29 15.54 15.14 3.03
C VAL B 29 14.48 15.45 4.09
N THR B 30 13.36 14.74 3.99
CA THR B 30 12.32 14.83 5.02
C THR B 30 12.67 14.02 6.24
N GLY B 31 12.23 14.50 7.42
CA GLY B 31 12.67 13.92 8.68
C GLY B 31 14.19 14.06 8.81
N GLY B 32 14.73 15.10 8.18
CA GLY B 32 16.17 15.27 8.06
C GLY B 32 16.93 15.58 9.35
N ALA B 33 16.24 15.91 10.44
CA ALA B 33 16.91 16.29 11.66
C ALA B 33 17.11 15.16 12.68
N SER B 34 16.63 13.94 12.42
CA SER B 34 16.85 12.86 13.34
C SER B 34 16.91 11.49 12.65
N GLY B 35 17.43 10.49 13.36
CA GLY B 35 17.43 9.11 12.84
C GLY B 35 18.00 8.94 11.45
N ILE B 36 17.27 8.21 10.62
CA ILE B 36 17.77 7.87 9.30
C ILE B 36 17.90 9.13 8.44
N GLY B 37 16.93 10.05 8.54
CA GLY B 37 17.01 11.30 7.75
C GLY B 37 18.28 12.09 8.11
N ALA B 38 18.60 12.14 9.40
CA ALA B 38 19.80 12.85 9.83
C ALA B 38 21.11 12.23 9.24
N ALA B 39 21.19 10.91 9.22
CA ALA B 39 22.35 10.20 8.67
C ALA B 39 22.47 10.43 7.16
N ILE B 40 21.34 10.34 6.48
CA ILE B 40 21.30 10.65 5.03
C ILE B 40 21.74 12.10 4.77
N SER B 41 21.22 13.08 5.51
CA SER B 41 21.64 14.46 5.32
C SER B 41 23.18 14.59 5.49
N LYS B 42 23.70 13.98 6.55
CA LYS B 42 25.12 14.04 6.84
C LYS B 42 25.95 13.41 5.72
N ALA B 43 25.51 12.25 5.26
CA ALA B 43 26.19 11.55 4.13
C ALA B 43 26.17 12.42 2.88
N PHE B 44 25.01 13.00 2.54
CA PHE B 44 24.93 13.82 1.34
C PHE B 44 25.87 15.04 1.41
N ILE B 45 25.92 15.71 2.56
CA ILE B 45 26.87 16.83 2.76
C ILE B 45 28.30 16.35 2.51
N ALA B 46 28.63 15.18 3.05
CA ALA B 46 29.98 14.64 2.95
C ALA B 46 30.34 14.36 1.49
N LYS B 47 29.35 14.06 0.65
CA LYS B 47 29.55 13.85 -0.80
C LYS B 47 29.47 15.07 -1.69
N GLY B 48 29.35 16.26 -1.09
CA GLY B 48 29.35 17.52 -1.84
C GLY B 48 28.01 18.13 -2.16
N ALA B 49 26.92 17.53 -1.70
CA ALA B 49 25.61 18.03 -2.02
C ALA B 49 25.25 19.22 -1.15
N LYS B 50 24.29 19.99 -1.63
CA LYS B 50 23.57 20.97 -0.83
C LYS B 50 22.36 20.20 -0.26
N VAL B 51 22.04 20.42 1.02
CA VAL B 51 20.95 19.67 1.63
C VAL B 51 19.95 20.64 2.31
N ALA B 52 18.68 20.47 1.92
CA ALA B 52 17.52 21.08 2.56
C ALA B 52 17.00 20.10 3.60
N VAL B 53 17.24 20.47 4.85
CA VAL B 53 16.86 19.66 6.02
C VAL B 53 15.43 20.04 6.37
N LEU B 54 14.50 19.12 6.11
CA LEU B 54 13.07 19.39 6.42
C LEU B 54 12.62 18.65 7.65
N ASP B 55 12.00 19.35 8.56
CA ASP B 55 11.44 18.69 9.72
C ASP B 55 10.30 19.52 10.28
N ILE B 56 9.67 18.98 11.33
CA ILE B 56 8.39 19.45 11.75
C ILE B 56 8.47 20.78 12.54
N SER B 57 9.65 21.13 13.04
CA SER B 57 9.79 22.39 13.74
C SER B 57 11.05 23.12 13.31
N ALA B 58 10.95 24.44 13.36
CA ALA B 58 12.02 25.33 12.96
C ALA B 58 13.28 25.11 13.79
N ASP B 59 13.16 24.93 15.10
CA ASP B 59 14.33 24.76 15.95
C ASP B 59 15.08 23.49 15.65
N ILE B 60 14.34 22.40 15.42
CA ILE B 60 14.94 21.08 15.22
C ILE B 60 15.67 21.09 13.86
N ALA B 61 15.01 21.65 12.84
CA ALA B 61 15.67 21.74 11.53
C ALA B 61 16.90 22.65 11.56
N LYS B 62 16.79 23.79 12.22
CA LYS B 62 17.90 24.75 12.36
C LYS B 62 19.08 24.10 13.02
N ALA B 63 18.87 23.30 14.07
CA ALA B 63 19.99 22.77 14.83
C ALA B 63 20.78 21.80 13.98
N LYS B 64 20.08 20.99 13.18
CA LYS B 64 20.74 20.03 12.29
C LYS B 64 21.46 20.73 11.15
N ALA B 65 20.81 21.72 10.54
CA ALA B 65 21.44 22.41 9.45
C ALA B 65 22.68 23.15 9.96
N GLU B 66 22.63 23.69 11.19
CA GLU B 66 23.84 24.30 11.71
C GLU B 66 24.94 23.26 11.93
N GLU B 67 24.58 22.13 12.52
CA GLU B 67 25.53 21.03 12.71
C GLU B 67 26.22 20.61 11.41
N LEU B 68 25.46 20.61 10.31
CA LEU B 68 25.97 20.07 9.02
C LEU B 68 26.77 21.08 8.20
N GLY B 69 26.71 22.34 8.60
CA GLY B 69 27.53 23.37 7.97
C GLY B 69 26.87 24.15 6.86
N GLU B 70 27.70 24.89 6.12
CA GLU B 70 27.23 25.93 5.22
C GLU B 70 26.40 25.45 4.01
N ASN B 71 26.51 24.17 3.65
CA ASN B 71 25.76 23.63 2.52
C ASN B 71 24.43 23.02 2.93
N ALA B 72 24.05 23.14 4.21
CA ALA B 72 22.77 22.61 4.71
C ALA B 72 21.92 23.77 5.20
N LYS B 73 20.65 23.80 4.80
CA LYS B 73 19.74 24.87 5.18
C LYS B 73 18.44 24.24 5.72
N PRO B 74 17.80 24.90 6.68
CA PRO B 74 16.62 24.36 7.34
C PRO B 74 15.31 24.80 6.74
N PHE B 75 14.32 23.88 6.75
CA PHE B 75 12.96 24.19 6.28
C PHE B 75 11.93 23.47 7.14
N VAL B 76 10.85 24.16 7.49
CA VAL B 76 9.73 23.52 8.18
C VAL B 76 8.82 22.80 7.19
N CYS B 77 8.48 21.54 7.46
CA CYS B 77 7.55 20.79 6.63
C CYS B 77 6.81 19.72 7.43
N ASP B 78 5.49 19.76 7.36
CA ASP B 78 4.62 18.69 7.82
C ASP B 78 4.23 17.92 6.58
N VAL B 79 4.82 16.74 6.39
CA VAL B 79 4.61 16.02 5.13
C VAL B 79 3.18 15.55 4.90
N SER B 80 2.38 15.53 5.94
CA SER B 80 0.99 15.14 5.80
C SER B 80 0.07 16.27 5.32
N SER B 81 0.63 17.48 5.17
CA SER B 81 -0.13 18.69 4.69
C SER B 81 0.30 19.09 3.29
N GLN B 82 -0.65 19.07 2.35
CA GLN B 82 -0.32 19.48 0.99
C GLN B 82 0.25 20.89 0.94
N GLN B 83 -0.35 21.79 1.69
CA GLN B 83 0.12 23.17 1.70
C GLN B 83 1.53 23.26 2.25
N SER B 84 1.81 22.60 3.36
CA SER B 84 3.13 22.62 3.95
C SER B 84 4.21 22.10 2.98
N VAL B 85 3.92 20.96 2.37
CA VAL B 85 4.84 20.36 1.41
C VAL B 85 5.09 21.30 0.22
N ASN B 86 4.02 21.84 -0.34
CA ASN B 86 4.19 22.70 -1.54
C ASN B 86 5.02 23.96 -1.17
N ASP B 87 4.73 24.51 -0.01
CA ASP B 87 5.44 25.69 0.46
C ASP B 87 6.92 25.40 0.68
N ALA B 88 7.22 24.22 1.23
CA ALA B 88 8.57 23.81 1.46
C ALA B 88 9.33 23.64 0.16
N ILE B 89 8.74 22.98 -0.83
CA ILE B 89 9.42 22.81 -2.10
C ILE B 89 9.69 24.17 -2.72
N THR B 90 8.71 25.05 -2.71
CA THR B 90 8.90 26.40 -3.27
C THR B 90 10.06 27.16 -2.60
N ALA B 91 10.15 27.03 -1.28
CA ALA B 91 11.20 27.69 -0.52
C ALA B 91 12.57 27.10 -0.81
N VAL B 92 12.62 25.78 -0.99
CA VAL B 92 13.89 25.12 -1.36
C VAL B 92 14.39 25.62 -2.72
N ILE B 93 13.48 25.71 -3.68
CA ILE B 93 13.86 26.19 -4.99
CA ILE B 93 13.77 26.21 -5.01
C ILE B 93 14.30 27.66 -4.93
N SER B 94 13.68 28.45 -4.06
CA SER B 94 14.10 29.82 -3.89
CA SER B 94 14.10 29.82 -3.86
C SER B 94 15.52 29.88 -3.31
N GLN B 95 15.81 29.01 -2.35
CA GLN B 95 17.08 29.03 -1.65
C GLN B 95 18.23 28.47 -2.49
N PHE B 96 17.97 27.37 -3.20
CA PHE B 96 19.03 26.63 -3.89
C PHE B 96 18.92 26.64 -5.40
N GLY B 97 17.79 27.07 -5.95
CA GLY B 97 17.61 27.23 -7.42
C GLY B 97 16.98 26.03 -8.16
N LYS B 98 17.11 24.86 -7.55
CA LYS B 98 16.75 23.57 -8.18
C LYS B 98 16.71 22.51 -7.10
N ILE B 99 16.09 21.37 -7.46
CA ILE B 99 16.10 20.15 -6.64
C ILE B 99 16.57 19.02 -7.55
N ASP B 100 17.63 18.31 -7.13
CA ASP B 100 18.14 17.19 -7.89
C ASP B 100 17.78 15.80 -7.31
N ILE B 101 17.62 15.77 -6.00
CA ILE B 101 17.50 14.53 -5.20
C ILE B 101 16.44 14.83 -4.12
N ALA B 102 15.51 13.93 -3.90
CA ALA B 102 14.59 14.01 -2.74
C ALA B 102 14.56 12.67 -2.05
N VAL B 103 14.67 12.70 -0.71
CA VAL B 103 14.51 11.49 0.08
C VAL B 103 13.35 11.67 1.05
N ASN B 104 12.38 10.75 1.02
CA ASN B 104 11.31 10.74 2.00
C ASN B 104 11.66 9.81 3.16
N SER B 105 12.04 10.37 4.29
CA SER B 105 12.43 9.56 5.46
C SER B 105 11.71 9.98 6.77
N ALA B 106 10.51 10.54 6.67
N ALA B 106 10.61 10.72 6.62
CA ALA B 106 9.74 11.04 7.86
CA ALA B 106 9.67 10.95 7.72
C ALA B 106 8.71 10.05 8.45
C ALA B 106 8.69 9.81 7.64
N GLY B 107 8.95 8.75 8.36
CA GLY B 107 7.91 7.77 8.73
C GLY B 107 7.68 7.61 10.22
N VAL B 108 6.52 7.04 10.55
CA VAL B 108 6.11 6.80 11.89
C VAL B 108 5.69 5.34 12.05
N VAL B 109 5.70 4.88 13.30
CA VAL B 109 5.32 3.49 13.60
C VAL B 109 4.35 3.52 14.76
N TYR B 110 3.19 2.92 14.53
CA TYR B 110 2.13 2.73 15.50
C TYR B 110 1.69 1.28 15.46
N LEU B 111 1.95 0.56 16.56
CA LEU B 111 1.69 -0.89 16.60
C LEU B 111 0.61 -1.33 17.57
N ALA B 112 -0.16 -2.34 17.17
CA ALA B 112 -1.16 -2.98 18.03
C ALA B 112 -1.68 -4.23 17.34
N PRO B 113 -2.23 -5.16 18.13
CA PRO B 113 -2.83 -6.35 17.49
C PRO B 113 -3.89 -5.93 16.46
N ALA B 114 -3.96 -6.67 15.35
CA ALA B 114 -4.82 -6.31 14.24
C ALA B 114 -6.30 -6.15 14.64
N GLU B 115 -6.80 -7.01 15.56
CA GLU B 115 -8.19 -6.92 15.95
C GLU B 115 -8.47 -5.72 16.87
N ASP B 116 -7.43 -5.11 17.42
CA ASP B 116 -7.56 -4.00 18.37
C ASP B 116 -7.16 -2.64 17.83
N ILE B 117 -6.36 -2.59 16.79
CA ILE B 117 -5.67 -1.36 16.45
C ILE B 117 -6.71 -0.26 16.12
N SER B 118 -6.50 0.91 16.69
CA SER B 118 -7.43 2.02 16.53
C SER B 118 -7.39 2.65 15.17
N LEU B 119 -8.52 3.25 14.78
CA LEU B 119 -8.55 4.05 13.55
C LEU B 119 -7.58 5.23 13.64
N ASP B 120 -7.33 5.75 14.84
CA ASP B 120 -6.33 6.79 15.04
C ASP B 120 -4.91 6.36 14.63
N TYR B 121 -4.46 5.19 15.11
CA TYR B 121 -3.18 4.63 14.70
C TYR B 121 -3.14 4.35 13.20
N TRP B 122 -4.22 3.79 12.67
CA TRP B 122 -4.32 3.58 11.22
C TRP B 122 -4.15 4.92 10.48
N ASP B 123 -4.96 5.91 10.79
CA ASP B 123 -4.87 7.17 10.06
C ASP B 123 -3.54 7.86 10.18
N LYS B 124 -3.00 7.95 11.37
CA LYS B 124 -1.73 8.64 11.55
C LYS B 124 -0.64 7.98 10.69
N THR B 125 -0.67 6.65 10.64
CA THR B 125 0.29 5.89 9.87
C THR B 125 0.14 6.15 8.36
N ILE B 126 -1.08 5.95 7.86
CA ILE B 126 -1.30 6.16 6.42
C ILE B 126 -1.01 7.60 6.01
N ASN B 127 -1.44 8.57 6.82
CA ASN B 127 -1.31 9.97 6.44
C ASN B 127 0.15 10.44 6.38
N ILE B 128 0.97 10.03 7.33
CA ILE B 128 2.37 10.36 7.26
C ILE B 128 3.19 9.46 6.32
N ASN B 129 3.08 8.14 6.48
CA ASN B 129 3.94 7.23 5.73
C ASN B 129 3.59 7.17 4.24
N LEU B 130 2.29 7.11 3.92
CA LEU B 130 1.85 6.89 2.56
C LEU B 130 1.42 8.19 1.89
N LYS B 131 0.39 8.84 2.41
CA LYS B 131 0.03 10.13 1.84
C LYS B 131 1.20 11.16 1.85
N GLY B 132 1.95 11.26 2.96
CA GLY B 132 3.13 12.14 3.00
C GLY B 132 4.14 11.86 1.89
N SER B 133 4.42 10.57 1.67
CA SER B 133 5.35 10.18 0.60
C SER B 133 4.78 10.58 -0.76
N PHE B 134 3.47 10.42 -0.94
CA PHE B 134 2.81 10.85 -2.20
C PHE B 134 2.94 12.36 -2.42
N LEU B 135 2.62 13.13 -1.41
CA LEU B 135 2.66 14.59 -1.51
C LEU B 135 4.04 15.12 -1.85
N VAL B 136 5.05 14.59 -1.16
CA VAL B 136 6.44 15.03 -1.38
C VAL B 136 6.92 14.58 -2.73
N THR B 137 6.67 13.32 -3.10
CA THR B 137 7.14 12.83 -4.37
C THR B 137 6.47 13.60 -5.50
N GLN B 138 5.19 13.89 -5.37
CA GLN B 138 4.51 14.63 -6.41
C GLN B 138 5.07 16.08 -6.55
N ALA B 139 5.23 16.78 -5.43
CA ALA B 139 5.72 18.17 -5.48
C ALA B 139 7.15 18.25 -6.01
N VAL B 140 8.01 17.37 -5.53
N VAL B 140 8.03 17.38 -5.54
CA VAL B 140 9.39 17.33 -6.01
CA VAL B 140 9.41 17.38 -6.04
C VAL B 140 9.46 16.97 -7.49
C VAL B 140 9.48 16.97 -7.50
N GLY B 141 8.69 15.95 -7.89
CA GLY B 141 8.70 15.49 -9.28
C GLY B 141 8.22 16.55 -10.23
N ARG B 142 7.20 17.30 -9.83
CA ARG B 142 6.78 18.43 -10.65
C ARG B 142 7.95 19.40 -10.90
N ALA B 143 8.69 19.72 -9.87
CA ALA B 143 9.78 20.67 -10.02
C ALA B 143 10.83 20.06 -10.95
N MET B 144 11.09 18.77 -10.78
CA MET B 144 12.12 18.10 -11.59
C MET B 144 11.74 18.02 -13.07
N ILE B 145 10.48 17.74 -13.33
CA ILE B 145 10.00 17.65 -14.67
C ILE B 145 10.17 19.04 -15.31
N ALA B 146 9.75 20.08 -14.59
CA ALA B 146 9.81 21.43 -15.13
C ALA B 146 11.23 21.86 -15.44
N ALA B 147 12.17 21.46 -14.61
CA ALA B 147 13.58 21.90 -14.78
C ALA B 147 14.26 21.18 -15.96
N GLY B 148 13.79 19.99 -16.28
CA GLY B 148 14.24 19.25 -17.45
C GLY B 148 15.57 18.51 -17.37
N ASN B 149 16.10 18.38 -16.15
CA ASN B 149 17.45 17.82 -15.94
C ASN B 149 17.42 16.47 -15.26
N GLY B 150 16.24 15.85 -15.21
CA GLY B 150 16.09 14.57 -14.53
C GLY B 150 16.11 14.72 -13.01
N GLY B 151 16.35 13.62 -12.30
CA GLY B 151 16.36 13.66 -10.86
C GLY B 151 16.36 12.31 -10.23
N LYS B 152 16.48 12.30 -8.90
CA LYS B 152 16.44 11.07 -8.11
C LYS B 152 15.51 11.22 -6.95
N ILE B 153 14.66 10.24 -6.74
CA ILE B 153 13.71 10.27 -5.59
C ILE B 153 13.88 8.91 -4.90
N ILE B 154 14.13 8.95 -3.60
CA ILE B 154 14.41 7.75 -2.83
C ILE B 154 13.40 7.80 -1.67
N ASN B 155 12.50 6.83 -1.64
CA ASN B 155 11.46 6.78 -0.62
C ASN B 155 11.76 5.64 0.37
N LEU B 156 11.77 5.94 1.66
CA LEU B 156 12.03 4.91 2.64
C LEU B 156 10.77 4.03 2.74
N ALA B 157 10.95 2.75 2.48
CA ALA B 157 9.89 1.81 2.78
C ALA B 157 10.30 1.05 4.00
N SER B 158 10.46 -0.25 3.90
CA SER B 158 10.81 -1.10 5.08
C SER B 158 10.83 -2.56 4.64
N GLN B 159 11.52 -3.40 5.39
CA GLN B 159 11.28 -4.84 5.29
C GLN B 159 9.74 -5.20 5.37
N ALA B 160 8.99 -4.40 6.14
CA ALA B 160 7.53 -4.54 6.28
C ALA B 160 6.74 -4.17 4.99
N GLY B 161 7.42 -3.71 3.95
CA GLY B 161 6.86 -3.55 2.62
C GLY B 161 6.91 -4.84 1.80
N THR B 162 7.58 -5.87 2.33
CA THR B 162 7.71 -7.20 1.70
C THR B 162 7.05 -8.32 2.49
N VAL B 163 7.21 -8.30 3.82
CA VAL B 163 6.61 -9.27 4.73
C VAL B 163 5.68 -8.61 5.71
N ALA B 164 4.70 -9.42 6.14
CA ALA B 164 3.87 -9.10 7.27
C ALA B 164 4.70 -9.22 8.55
N ILE B 165 4.36 -8.42 9.55
CA ILE B 165 4.94 -8.54 10.91
C ILE B 165 3.80 -8.35 11.90
N GLU B 166 3.74 -9.20 12.93
CA GLU B 166 2.70 -9.09 13.92
C GLU B 166 2.68 -7.69 14.54
N GLU B 167 1.47 -7.18 14.71
CA GLU B 167 1.15 -5.84 15.23
C GLU B 167 1.35 -4.69 14.24
N HIS B 168 1.77 -5.01 13.02
CA HIS B 168 2.11 -4.02 12.03
C HIS B 168 1.05 -3.91 10.93
N VAL B 169 -0.21 -4.18 11.23
CA VAL B 169 -1.17 -4.11 10.09
C VAL B 169 -1.21 -2.74 9.40
N ALA B 170 -1.20 -1.65 10.16
CA ALA B 170 -1.20 -0.32 9.53
C ALA B 170 0.15 -0.01 8.88
N TYR B 171 1.21 -0.38 9.58
CA TYR B 171 2.58 -0.12 9.09
C TYR B 171 2.85 -0.83 7.78
N CYS B 172 2.55 -2.13 7.74
CA CYS B 172 2.69 -2.94 6.50
C CYS B 172 1.81 -2.41 5.39
N ALA B 173 0.56 -2.08 5.70
CA ALA B 173 -0.29 -1.50 4.66
C ALA B 173 0.38 -0.22 4.06
N SER B 174 0.91 0.65 4.92
CA SER B 174 1.56 1.89 4.47
C SER B 174 2.83 1.65 3.67
N LYS B 175 3.59 0.60 4.03
CA LYS B 175 4.89 0.35 3.42
C LYS B 175 4.76 -0.42 2.11
N PHE B 176 3.91 -1.45 2.07
CA PHE B 176 3.51 -2.01 0.77
C PHE B 176 2.99 -0.91 -0.18
N GLY B 177 2.12 -0.05 0.33
CA GLY B 177 1.57 1.07 -0.44
C GLY B 177 2.63 2.00 -0.98
N VAL B 178 3.60 2.37 -0.15
CA VAL B 178 4.73 3.22 -0.58
C VAL B 178 5.47 2.62 -1.79
N ILE B 179 5.67 1.29 -1.78
CA ILE B 179 6.38 0.61 -2.86
C ILE B 179 5.58 0.66 -4.16
N GLY B 180 4.28 0.32 -4.08
CA GLY B 180 3.38 0.40 -5.24
C GLY B 180 3.28 1.79 -5.82
N MET B 181 3.10 2.78 -4.94
CA MET B 181 3.07 4.17 -5.34
C MET B 181 4.37 4.55 -6.07
N SER B 182 5.50 4.21 -5.44
CA SER B 182 6.81 4.63 -5.93
C SER B 182 7.10 4.00 -7.30
N LYS B 183 6.68 2.75 -7.47
CA LYS B 183 6.90 2.05 -8.76
C LYS B 183 6.09 2.70 -9.88
N THR B 184 4.90 3.20 -9.53
CA THR B 184 4.08 3.93 -10.52
C THR B 184 4.71 5.28 -10.91
N PHE B 185 5.18 6.05 -9.95
CA PHE B 185 5.96 7.26 -10.29
C PHE B 185 7.16 6.89 -11.17
N ALA B 186 7.90 5.84 -10.80
CA ALA B 186 9.03 5.41 -11.61
C ALA B 186 8.58 5.14 -13.07
N ALA B 187 7.50 4.38 -13.25
CA ALA B 187 7.06 4.01 -14.61
C ALA B 187 6.71 5.23 -15.44
N GLU B 188 6.01 6.17 -14.83
CA GLU B 188 5.56 7.36 -15.56
C GLU B 188 6.63 8.38 -15.79
N TRP B 189 7.61 8.44 -14.90
CA TRP B 189 8.62 9.54 -14.95
C TRP B 189 10.00 9.15 -15.51
N GLY B 190 10.17 7.91 -15.95
CA GLY B 190 11.40 7.51 -16.63
C GLY B 190 11.63 8.37 -17.86
N LYS B 191 10.54 8.69 -18.55
CA LYS B 191 10.61 9.57 -19.74
C LYS B 191 11.16 10.98 -19.44
N TYR B 192 11.07 11.43 -18.19
CA TYR B 192 11.65 12.70 -17.74
C TYR B 192 12.98 12.56 -17.00
N GLY B 193 13.57 11.37 -17.04
CA GLY B 193 14.89 11.17 -16.45
C GLY B 193 14.93 11.10 -14.94
N ILE B 194 13.77 10.81 -14.34
CA ILE B 194 13.67 10.76 -12.88
C ILE B 194 13.62 9.30 -12.43
N CYS B 195 14.65 8.87 -11.69
CA CYS B 195 14.65 7.56 -11.08
C CYS B 195 13.93 7.58 -9.72
N VAL B 196 13.03 6.65 -9.51
CA VAL B 196 12.28 6.63 -8.24
C VAL B 196 12.42 5.22 -7.66
N ASN B 197 13.05 5.14 -6.49
CA ASN B 197 13.37 3.88 -5.86
C ASN B 197 12.98 3.90 -4.41
N THR B 198 12.87 2.71 -3.84
CA THR B 198 12.63 2.58 -2.41
C THR B 198 13.81 1.89 -1.73
N LEU B 199 14.02 2.23 -0.46
CA LEU B 199 15.03 1.60 0.36
C LEU B 199 14.30 0.98 1.53
N SER B 200 14.52 -0.30 1.76
CA SER B 200 13.75 -1.05 2.72
C SER B 200 14.66 -1.65 3.83
N PRO B 201 14.84 -0.94 4.92
CA PRO B 201 15.63 -1.48 6.02
C PRO B 201 14.93 -2.48 6.93
N THR B 202 15.71 -3.35 7.56
CA THR B 202 15.30 -4.04 8.78
C THR B 202 15.31 -3.01 9.92
N ILE B 203 15.27 -3.50 11.16
CA ILE B 203 15.39 -2.63 12.32
CA ILE B 203 15.40 -2.65 12.34
C ILE B 203 16.69 -1.84 12.24
N VAL B 204 16.61 -0.53 12.48
CA VAL B 204 17.74 0.37 12.42
C VAL B 204 17.99 0.95 13.82
N LEU B 205 19.25 1.05 14.18
CA LEU B 205 19.68 1.55 15.49
C LEU B 205 19.86 3.08 15.46
N THR B 206 18.75 3.77 15.18
CA THR B 206 18.63 5.20 15.43
C THR B 206 18.70 5.41 16.96
N GLU B 207 19.03 6.64 17.42
CA GLU B 207 19.01 6.95 18.89
C GLU B 207 17.78 6.29 19.52
N LEU B 208 16.64 6.52 18.87
CA LEU B 208 15.35 5.96 19.26
C LEU B 208 15.34 4.45 19.20
N GLY B 209 15.69 3.91 18.01
CA GLY B 209 15.70 2.47 17.79
C GLY B 209 16.55 1.73 18.82
N LYS B 210 17.70 2.30 19.18
CA LYS B 210 18.57 1.75 20.25
C LYS B 210 17.80 1.53 21.55
N LYS B 211 17.05 2.56 21.96
CA LYS B 211 16.26 2.50 23.19
C LYS B 211 15.17 1.44 23.03
N ALA B 212 14.59 1.37 21.83
CA ALA B 212 13.39 0.54 21.55
C ALA B 212 13.63 -0.99 21.45
N TRP B 213 14.89 -1.40 21.18
CA TRP B 213 15.28 -2.82 21.02
C TRP B 213 16.39 -3.20 22.00
N ALA B 214 16.48 -2.43 23.08
CA ALA B 214 17.53 -2.59 24.08
C ALA B 214 17.51 -3.96 24.75
N GLY B 215 16.35 -4.63 24.73
CA GLY B 215 16.17 -5.84 25.53
C GLY B 215 16.67 -7.14 24.93
N GLU B 216 16.33 -8.24 25.61
CA GLU B 216 16.23 -9.56 24.98
C GLU B 216 15.33 -9.43 23.73
N LYS B 217 14.45 -8.44 23.76
CA LYS B 217 13.68 -8.02 22.59
C LYS B 217 14.60 -7.98 21.33
N GLY B 218 15.70 -7.24 21.46
CA GLY B 218 16.71 -7.10 20.42
C GLY B 218 17.45 -8.39 20.12
N GLU B 219 17.85 -9.13 21.17
CA GLU B 219 18.60 -10.38 20.93
C GLU B 219 17.75 -11.44 20.19
N ALA B 220 16.45 -11.49 20.47
CA ALA B 220 15.56 -12.48 19.80
C ALA B 220 15.34 -12.09 18.37
N ALA B 221 15.17 -10.80 18.13
CA ALA B 221 14.96 -10.29 16.77
C ALA B 221 16.15 -10.66 15.88
N LYS B 222 17.35 -10.54 16.45
CA LYS B 222 18.58 -10.77 15.71
C LYS B 222 18.76 -12.23 15.30
N LYS B 223 18.16 -13.16 16.06
CA LYS B 223 18.23 -14.59 15.76
C LYS B 223 17.56 -14.92 14.45
N ARG B 224 16.64 -14.07 14.03
CA ARG B 224 15.93 -14.27 12.79
C ARG B 224 16.56 -13.51 11.64
N ILE B 225 17.62 -12.75 11.90
CA ILE B 225 18.30 -12.01 10.81
C ILE B 225 19.62 -12.77 10.48
N PRO B 226 19.76 -13.29 9.23
CA PRO B 226 21.02 -13.98 8.86
C PRO B 226 22.32 -13.19 9.21
N ALA B 227 22.29 -11.87 9.02
CA ALA B 227 23.45 -11.02 9.31
C ALA B 227 23.76 -10.98 10.85
N GLY B 228 22.77 -11.32 11.67
CA GLY B 228 22.98 -11.41 13.12
C GLY B 228 23.04 -10.10 13.89
N ARG B 229 22.60 -9.01 13.27
CA ARG B 229 22.57 -7.68 13.89
C ARG B 229 21.57 -6.81 13.15
N PHE B 230 21.33 -5.64 13.75
CA PHE B 230 20.47 -4.63 13.14
C PHE B 230 21.33 -3.72 12.28
N ALA B 231 20.68 -2.87 11.47
CA ALA B 231 21.39 -1.95 10.62
C ALA B 231 21.66 -0.63 11.34
N TYR B 232 22.76 0.03 11.01
CA TYR B 232 23.00 1.38 11.54
C TYR B 232 22.43 2.43 10.56
N PRO B 233 22.05 3.61 11.07
CA PRO B 233 21.55 4.64 10.14
C PRO B 233 22.56 5.00 9.04
N GLU B 234 23.85 4.93 9.36
CA GLU B 234 24.88 5.28 8.41
C GLU B 234 24.92 4.29 7.25
N GLU B 235 24.49 3.05 7.47
CA GLU B 235 24.43 2.02 6.42
C GLU B 235 23.25 2.32 5.49
N ILE B 236 22.15 2.79 6.05
CA ILE B 236 21.04 3.17 5.20
C ILE B 236 21.47 4.37 4.33
N ALA B 237 22.21 5.27 4.95
CA ALA B 237 22.71 6.48 4.25
C ALA B 237 23.68 6.13 3.12
N ALA B 238 24.51 5.11 3.31
CA ALA B 238 25.44 4.68 2.23
C ALA B 238 24.66 4.22 1.00
N ALA B 239 23.57 3.47 1.22
CA ALA B 239 22.75 3.03 0.12
C ALA B 239 22.08 4.21 -0.54
N ALA B 240 21.68 5.19 0.25
CA ALA B 240 21.04 6.37 -0.34
C ALA B 240 22.01 7.13 -1.24
N VAL B 241 23.27 7.25 -0.82
CA VAL B 241 24.31 7.93 -1.63
C VAL B 241 24.44 7.22 -2.97
N PHE B 242 24.49 5.90 -2.91
CA PHE B 242 24.62 5.11 -4.17
C PHE B 242 23.43 5.39 -5.11
N LEU B 243 22.21 5.29 -4.58
CA LEU B 243 21.00 5.46 -5.40
C LEU B 243 20.85 6.88 -5.90
N ALA B 244 21.40 7.86 -5.19
CA ALA B 244 21.33 9.27 -5.62
C ALA B 244 22.37 9.64 -6.66
N SER B 245 23.28 8.70 -6.95
CA SER B 245 24.44 9.02 -7.77
C SER B 245 24.21 8.69 -9.24
N ALA B 246 25.20 9.12 -10.05
CA ALA B 246 25.25 8.80 -11.47
C ALA B 246 25.66 7.37 -11.74
N GLY B 247 26.01 6.61 -10.71
CA GLY B 247 26.18 5.20 -10.85
C GLY B 247 24.89 4.38 -10.79
N ALA B 248 23.74 5.03 -10.68
CA ALA B 248 22.45 4.36 -10.48
C ALA B 248 21.37 4.87 -11.44
N ASP B 249 21.80 5.44 -12.57
CA ASP B 249 20.84 6.02 -13.52
C ASP B 249 19.90 4.99 -14.15
N MET B 250 20.31 3.70 -14.18
CA MET B 250 19.45 2.63 -14.71
C MET B 250 18.70 1.86 -13.66
N ILE B 251 18.74 2.36 -12.43
CA ILE B 251 18.01 1.75 -11.36
C ILE B 251 16.79 2.61 -11.11
N THR B 252 15.60 2.08 -11.41
CA THR B 252 14.39 2.80 -11.14
C THR B 252 13.25 1.81 -10.95
N GLY B 253 12.36 2.17 -10.05
CA GLY B 253 11.32 1.29 -9.61
C GLY B 253 11.79 0.18 -8.67
N ALA B 254 13.08 0.16 -8.29
CA ALA B 254 13.66 -0.92 -7.51
C ALA B 254 13.38 -0.66 -6.03
N ASP B 255 13.22 -1.77 -5.32
CA ASP B 255 13.16 -1.77 -3.86
C ASP B 255 14.42 -2.46 -3.38
N LEU B 256 15.30 -1.71 -2.72
CA LEU B 256 16.56 -2.26 -2.28
C LEU B 256 16.43 -2.57 -0.80
N LEU B 257 16.46 -3.87 -0.50
CA LEU B 257 16.35 -4.30 0.87
CA LEU B 257 16.36 -4.35 0.87
C LEU B 257 17.72 -4.17 1.54
N ILE B 258 17.72 -3.64 2.75
CA ILE B 258 18.92 -3.51 3.59
C ILE B 258 18.49 -4.16 4.91
N ASP B 259 18.25 -5.47 4.84
CA ASP B 259 17.52 -6.19 5.90
C ASP B 259 18.29 -7.34 6.51
N GLY B 260 19.57 -7.43 6.19
CA GLY B 260 20.42 -8.48 6.73
C GLY B 260 19.93 -9.88 6.40
N GLY B 261 19.06 -9.96 5.39
CA GLY B 261 18.44 -11.19 4.95
C GLY B 261 17.14 -11.54 5.65
N TYR B 262 16.59 -10.66 6.52
CA TYR B 262 15.39 -11.00 7.27
C TYR B 262 14.26 -11.60 6.44
N THR B 263 13.98 -10.94 5.31
CA THR B 263 12.82 -11.27 4.51
C THR B 263 13.00 -12.49 3.63
N ILE B 264 14.21 -13.04 3.50
CA ILE B 264 14.41 -14.14 2.52
C ILE B 264 14.07 -15.53 3.04
N LEU B 265 13.89 -15.66 4.36
CA LEU B 265 13.54 -16.90 5.01
C LEU B 265 12.03 -16.98 5.26
C ACT C . -12.52 -4.13 -5.97
O ACT C . -12.82 -4.10 -4.76
OXT ACT C . -11.41 -3.71 -6.38
CH3 ACT C . -13.50 -4.73 -6.94
C ACT D . 10.87 6.08 7.28
O ACT D . 10.15 5.03 7.41
OXT ACT D . 10.55 7.04 6.55
CH3 ACT D . 12.15 6.23 8.03
#